data_8C7J
#
_entry.id   8C7J
#
_cell.length_a   63.240
_cell.length_b   71.310
_cell.length_c   125.890
_cell.angle_alpha   90.000
_cell.angle_beta   90.000
_cell.angle_gamma   90.000
#
_symmetry.space_group_name_H-M   'P 21 21 21'
#
loop_
_entity.id
_entity.type
_entity.pdbx_description
1 polymer 'Fab heavy chain with knob domain'
2 polymer 'Fab light chain'
3 non-polymer 'CHLORIDE ION'
4 water water
#
loop_
_entity_poly.entity_id
_entity_poly.type
_entity_poly.pdbx_seq_one_letter_code
_entity_poly.pdbx_strand_id
1 'polypeptide(L)'
;EVQLVESGGGLVKPGGSLRLSCAASGYTFTDNYIHWVRQAPGKGLEWIGYINPSSAYAHYNEKFKTRFTISVDKAGTCPD
GYTRTNYYCRRDGCGSWCNGAERQQPCIRGPCCCDLTYRTGKNSAYLQMNSLRAEDTAVYYCTRRYYSAMPFAYWGQGTL
VTVSSASTKGPSVFPLAPSSKSTSGGTAALGCLVKDYFPEPVTVSWNSGALTSGVHTFPAVLQSSGLYSLSSVVTVPSSS
LGTQTYICNVNHKPSNTKVDKKVEPKSC
;
A
2 'polypeptide(L)'
;DIQMTQSPSSLSASVGDRVTITCRASEDIYSGLAWYQQKPGKVPKLLIYDSSTLHTGVPSRFSGTGSGTDYTLTISSLQP
EDVATYFCQQNYDFPLTFGQGTKLEIKRTVAAPSVFIFPPSDEQLKSGTASVVCLLNNFYPREAKVQWKVDNALQSGNSQ
ESVTEQDSKDSTYSLSSTLTLSKADYEKHKVYACEVTHQGLSSPVTKSFNRGEC
;
B
#
loop_
_chem_comp.id
_chem_comp.type
_chem_comp.name
_chem_comp.formula
CL non-polymer 'CHLORIDE ION' 'Cl -1'
#
# COMPACT_ATOMS: atom_id res chain seq x y z
N GLU A 1 6.35 -22.12 1.63
CA GLU A 1 5.37 -21.26 2.37
C GLU A 1 4.07 -21.11 1.59
N VAL A 2 2.98 -20.87 2.32
CA VAL A 2 1.73 -20.49 1.69
C VAL A 2 1.94 -19.14 1.03
N GLN A 3 1.66 -19.07 -0.27
CA GLN A 3 1.74 -17.81 -0.99
C GLN A 3 0.50 -17.63 -1.86
N LEU A 4 0.02 -16.40 -1.87
CA LEU A 4 -0.95 -15.91 -2.85
C LEU A 4 -0.25 -14.76 -3.56
N VAL A 5 -0.10 -14.88 -4.88
CA VAL A 5 0.60 -13.89 -5.68
C VAL A 5 -0.37 -13.39 -6.74
N GLU A 6 -0.70 -12.11 -6.66
CA GLU A 6 -1.66 -11.50 -7.56
C GLU A 6 -0.97 -10.87 -8.76
N SER A 7 -1.71 -10.80 -9.84
CA SER A 7 -1.26 -10.03 -10.99
C SER A 7 -2.47 -9.57 -11.78
N GLY A 8 -2.22 -8.71 -12.76
CA GLY A 8 -3.22 -8.35 -13.75
C GLY A 8 -3.76 -6.95 -13.61
N GLY A 9 -3.50 -6.29 -12.48
CA GLY A 9 -4.03 -4.96 -12.27
C GLY A 9 -3.44 -3.94 -13.22
N GLY A 10 -4.15 -2.83 -13.38
CA GLY A 10 -3.65 -1.75 -14.21
C GLY A 10 -4.76 -0.77 -14.50
N LEU A 11 -4.52 0.06 -15.51
CA LEU A 11 -5.42 1.13 -15.86
C LEU A 11 -6.50 0.61 -16.77
N VAL A 12 -7.73 1.05 -16.52
CA VAL A 12 -8.87 0.66 -17.33
C VAL A 12 -9.79 1.86 -17.50
N LYS A 13 -10.41 1.97 -18.70
CA LYS A 13 -11.24 3.15 -18.91
C LYS A 13 -12.65 2.89 -18.39
N PRO A 14 -13.38 3.93 -17.96
CA PRO A 14 -14.77 3.70 -17.53
C PRO A 14 -15.53 2.88 -18.55
N GLY A 15 -16.37 1.95 -18.04
CA GLY A 15 -17.10 1.04 -18.89
C GLY A 15 -16.35 -0.21 -19.25
N GLY A 16 -15.04 -0.26 -18.99
CA GLY A 16 -14.22 -1.38 -19.39
C GLY A 16 -14.24 -2.54 -18.41
N SER A 17 -13.51 -3.59 -18.80
CA SER A 17 -13.38 -4.85 -18.06
C SER A 17 -11.92 -5.15 -17.76
N LEU A 18 -11.71 -6.01 -16.78
CA LEU A 18 -10.38 -6.39 -16.35
C LEU A 18 -10.51 -7.70 -15.58
N ARG A 19 -9.56 -8.63 -15.81
CA ARG A 19 -9.48 -9.89 -15.06
C ARG A 19 -8.20 -9.90 -14.24
N LEU A 20 -8.34 -10.06 -12.92
CA LEU A 20 -7.22 -10.20 -12.00
C LEU A 20 -7.03 -11.67 -11.66
N SER A 21 -5.80 -12.02 -11.29
CA SER A 21 -5.45 -13.39 -10.97
C SER A 21 -4.75 -13.49 -9.62
N CYS A 22 -5.02 -14.61 -8.96
CA CYS A 22 -4.46 -14.90 -7.64
C CYS A 22 -3.86 -16.30 -7.75
N ALA A 23 -2.54 -16.37 -7.82
CA ALA A 23 -1.82 -17.63 -7.96
C ALA A 23 -1.49 -18.17 -6.57
N ALA A 24 -2.06 -19.30 -6.22
CA ALA A 24 -1.95 -19.90 -4.90
C ALA A 24 -1.03 -21.10 -4.94
N SER A 25 -0.11 -21.19 -3.98
CA SER A 25 0.83 -22.29 -3.88
C SER A 25 1.14 -22.56 -2.42
N GLY A 26 1.63 -23.77 -2.16
CA GLY A 26 2.13 -24.11 -0.84
C GLY A 26 1.15 -24.81 0.06
N TYR A 27 0.05 -25.28 -0.47
CA TYR A 27 -0.96 -25.99 0.31
C TYR A 27 -1.93 -26.60 -0.70
N THR A 28 -2.77 -27.51 -0.23
CA THR A 28 -3.67 -28.21 -1.13
C THR A 28 -4.73 -27.22 -1.59
N PHE A 29 -4.72 -26.91 -2.89
CA PHE A 29 -5.53 -25.81 -3.42
C PHE A 29 -7.00 -25.99 -3.05
N THR A 30 -7.50 -27.20 -3.09
CA THR A 30 -8.93 -27.40 -2.82
C THR A 30 -9.28 -27.34 -1.33
N ASP A 31 -8.31 -27.21 -0.43
CA ASP A 31 -8.58 -27.23 0.99
C ASP A 31 -9.17 -25.92 1.55
N ASN A 32 -9.07 -24.80 0.84
CA ASN A 32 -9.50 -23.53 1.42
C ASN A 32 -10.19 -22.66 0.37
N TYR A 33 -11.16 -21.87 0.83
CA TYR A 33 -11.77 -20.88 -0.06
C TYR A 33 -10.77 -19.76 -0.37
N ILE A 34 -10.94 -19.14 -1.55
CA ILE A 34 -10.22 -17.91 -1.91
C ILE A 34 -11.26 -16.80 -1.96
N HIS A 35 -11.03 -15.76 -1.17
CA HIS A 35 -11.85 -14.57 -1.11
C HIS A 35 -11.17 -13.41 -1.85
N TRP A 36 -11.99 -12.45 -2.30
CA TRP A 36 -11.50 -11.19 -2.85
C TRP A 36 -12.02 -10.04 -2.00
N VAL A 37 -11.13 -9.10 -1.70
CA VAL A 37 -11.40 -7.97 -0.83
C VAL A 37 -10.75 -6.77 -1.54
N ARG A 38 -11.34 -5.59 -1.37
CA ARG A 38 -10.76 -4.40 -2.01
C ARG A 38 -10.71 -3.24 -1.03
N GLN A 39 -9.85 -2.28 -1.31
CA GLN A 39 -9.68 -1.14 -0.42
C GLN A 39 -9.53 0.13 -1.27
N ALA A 40 -10.54 0.95 -1.28
CA ALA A 40 -10.48 2.24 -1.96
C ALA A 40 -9.86 3.30 -1.06
N PRO A 41 -9.27 4.36 -1.62
CA PRO A 41 -8.56 5.35 -0.78
C PRO A 41 -9.49 5.97 0.26
N GLY A 42 -9.11 5.83 1.53
CA GLY A 42 -9.90 6.36 2.62
C GLY A 42 -10.91 5.36 3.13
N LYS A 43 -11.84 4.94 2.27
CA LYS A 43 -12.83 3.93 2.61
C LYS A 43 -12.16 2.72 3.27
N GLY A 44 -12.93 2.02 4.09
CA GLY A 44 -12.45 0.79 4.68
C GLY A 44 -12.52 -0.38 3.72
N LEU A 45 -11.98 -1.51 4.15
CA LEU A 45 -11.96 -2.70 3.31
C LEU A 45 -13.39 -3.16 3.02
N GLU A 46 -13.55 -3.81 1.87
CA GLU A 46 -14.84 -4.20 1.34
C GLU A 46 -14.72 -5.61 0.80
N TRP A 47 -15.50 -6.54 1.35
CA TRP A 47 -15.45 -7.92 0.91
C TRP A 47 -16.27 -8.08 -0.37
N ILE A 48 -15.69 -8.76 -1.36
CA ILE A 48 -16.32 -8.93 -2.69
C ILE A 48 -17.05 -10.26 -2.82
N GLY A 49 -16.38 -11.36 -2.48
CA GLY A 49 -16.94 -12.68 -2.67
C GLY A 49 -15.89 -13.72 -2.37
N TYR A 50 -16.28 -14.99 -2.52
CA TYR A 50 -15.31 -16.06 -2.45
C TYR A 50 -15.67 -17.13 -3.47
N ILE A 51 -14.72 -18.03 -3.67
CA ILE A 51 -14.98 -19.24 -4.44
C ILE A 51 -14.39 -20.44 -3.68
N ASN A 52 -15.11 -21.54 -3.74
CA ASN A 52 -14.63 -22.80 -3.18
C ASN A 52 -14.03 -23.60 -4.31
N PRO A 53 -12.71 -23.76 -4.37
CA PRO A 53 -12.11 -24.43 -5.52
C PRO A 53 -12.44 -25.89 -5.60
N SER A 54 -12.88 -26.50 -4.49
CA SER A 54 -13.29 -27.90 -4.53
C SER A 54 -14.52 -28.10 -5.42
N SER A 55 -15.49 -27.20 -5.32
CA SER A 55 -16.74 -27.29 -6.06
C SER A 55 -16.88 -26.24 -7.14
N ALA A 56 -15.98 -25.26 -7.20
CA ALA A 56 -16.08 -24.07 -8.06
C ALA A 56 -17.33 -23.25 -7.77
N TYR A 57 -17.95 -23.45 -6.60
CA TYR A 57 -19.08 -22.61 -6.19
C TYR A 57 -18.58 -21.24 -5.72
N ALA A 58 -19.24 -20.19 -6.17
CA ALA A 58 -18.86 -18.83 -5.83
C ALA A 58 -20.03 -18.15 -5.13
N HIS A 59 -19.71 -17.29 -4.16
CA HIS A 59 -20.71 -16.54 -3.41
C HIS A 59 -20.28 -15.09 -3.36
N TYR A 60 -21.21 -14.18 -3.62
CA TYR A 60 -20.90 -12.79 -3.83
C TYR A 60 -21.60 -11.91 -2.83
N ASN A 61 -20.91 -10.85 -2.44
CA ASN A 61 -21.55 -9.67 -1.90
C ASN A 61 -22.58 -9.18 -2.90
N GLU A 62 -23.82 -8.95 -2.44
CA GLU A 62 -24.86 -8.48 -3.34
C GLU A 62 -24.41 -7.27 -4.16
N LYS A 63 -23.61 -6.38 -3.57
CA LYS A 63 -23.18 -5.17 -4.27
C LYS A 63 -22.47 -5.46 -5.58
N PHE A 64 -21.89 -6.64 -5.74
CA PHE A 64 -21.04 -6.90 -6.88
C PHE A 64 -21.52 -8.02 -7.76
N LYS A 65 -22.69 -8.64 -7.46
CA LYS A 65 -23.13 -9.81 -8.19
C LYS A 65 -23.34 -9.52 -9.68
N THR A 66 -23.85 -8.35 -10.03
CA THR A 66 -24.13 -8.08 -11.44
C THR A 66 -22.85 -7.98 -12.28
N ARG A 67 -21.77 -7.43 -11.72
CA ARG A 67 -20.63 -7.07 -12.56
C ARG A 67 -19.40 -7.95 -12.39
N PHE A 68 -19.25 -8.64 -11.27
CA PHE A 68 -18.00 -9.31 -10.95
C PHE A 68 -18.23 -10.82 -10.95
N THR A 69 -17.24 -11.56 -11.43
CA THR A 69 -17.29 -13.01 -11.51
C THR A 69 -15.99 -13.56 -10.95
N ILE A 70 -16.12 -14.48 -9.98
CA ILE A 70 -14.97 -15.17 -9.41
C ILE A 70 -14.93 -16.57 -9.98
N SER A 71 -13.75 -17.00 -10.42
CA SER A 71 -13.61 -18.31 -11.04
C SER A 71 -12.29 -18.95 -10.63
N VAL A 72 -12.12 -20.22 -11.00
CA VAL A 72 -10.85 -20.93 -10.85
C VAL A 72 -10.54 -21.67 -12.14
N ASP A 73 -9.26 -21.98 -12.32
CA ASP A 73 -8.86 -22.87 -13.41
C ASP A 73 -9.67 -24.15 -13.37
N LYS A 74 -9.88 -24.75 -14.55
CA LYS A 74 -10.38 -26.11 -14.64
C LYS A 74 -9.28 -27.09 -14.25
N ALA A 75 -9.66 -28.09 -13.47
CA ALA A 75 -8.79 -29.22 -13.18
C ALA A 75 -8.83 -30.24 -14.31
N GLY A 76 -7.69 -30.88 -14.56
CA GLY A 76 -7.60 -31.82 -15.67
C GLY A 76 -6.70 -33.01 -15.44
N THR A 77 -6.37 -33.29 -14.18
CA THR A 77 -5.39 -34.29 -13.82
C THR A 77 -6.05 -35.47 -13.10
N CYS A 78 -5.62 -36.69 -13.44
CA CYS A 78 -6.01 -37.88 -12.70
C CYS A 78 -4.79 -38.47 -11.99
N PRO A 79 -4.93 -38.96 -10.76
CA PRO A 79 -3.76 -39.48 -10.02
C PRO A 79 -3.07 -40.58 -10.83
N ASP A 80 -1.85 -40.90 -10.39
CA ASP A 80 -1.14 -42.03 -10.99
C ASP A 80 -1.98 -43.31 -10.86
N GLY A 81 -1.91 -44.16 -11.88
CA GLY A 81 -2.74 -45.35 -11.90
C GLY A 81 -4.21 -45.08 -12.12
N TYR A 82 -4.55 -43.95 -12.72
CA TYR A 82 -5.91 -43.62 -13.12
C TYR A 82 -5.84 -43.05 -14.54
N THR A 83 -6.93 -43.24 -15.29
CA THR A 83 -7.04 -42.70 -16.64
C THR A 83 -8.28 -41.84 -16.75
N ARG A 84 -8.12 -40.67 -17.38
CA ARG A 84 -9.21 -39.72 -17.48
C ARG A 84 -10.29 -40.25 -18.40
N THR A 85 -11.53 -39.92 -18.06
CA THR A 85 -12.66 -40.18 -18.95
C THR A 85 -13.45 -38.87 -19.06
N ASN A 86 -14.66 -38.95 -19.63
CA ASN A 86 -15.37 -37.76 -20.10
C ASN A 86 -15.15 -36.54 -19.21
N TYR A 87 -15.41 -36.66 -17.91
CA TYR A 87 -15.23 -35.56 -17.00
C TYR A 87 -14.73 -35.99 -15.62
N TYR A 88 -14.30 -37.24 -15.48
CA TYR A 88 -13.88 -37.79 -14.18
C TYR A 88 -12.65 -38.67 -14.42
N CYS A 89 -12.31 -39.48 -13.43
CA CYS A 89 -11.18 -40.40 -13.51
C CYS A 89 -11.67 -41.84 -13.35
N ARG A 90 -10.89 -42.77 -13.91
CA ARG A 90 -11.20 -44.20 -13.86
C ARG A 90 -9.94 -44.94 -13.40
N ARG A 91 -10.10 -45.84 -12.43
CA ARG A 91 -8.96 -46.57 -11.88
C ARG A 91 -8.56 -47.69 -12.84
N ASP A 92 -7.26 -47.77 -13.15
CA ASP A 92 -6.78 -48.73 -14.13
C ASP A 92 -7.12 -50.16 -13.70
N GLY A 93 -7.85 -50.88 -14.55
CA GLY A 93 -8.31 -52.19 -14.20
C GLY A 93 -9.63 -52.21 -13.47
N CYS A 94 -10.46 -51.18 -13.67
CA CYS A 94 -11.84 -51.17 -13.21
C CYS A 94 -12.71 -50.78 -14.39
N GLY A 95 -13.97 -51.24 -14.35
CA GLY A 95 -14.87 -51.01 -15.46
C GLY A 95 -16.32 -50.83 -15.06
N SER A 96 -16.68 -51.27 -13.85
CA SER A 96 -18.06 -51.23 -13.42
C SER A 96 -18.59 -49.80 -13.41
N TRP A 97 -19.91 -49.66 -13.38
CA TRP A 97 -20.52 -48.35 -13.48
C TRP A 97 -20.20 -47.52 -12.23
N CYS A 98 -20.45 -46.21 -12.33
CA CYS A 98 -20.24 -45.28 -11.21
C CYS A 98 -21.39 -44.29 -11.21
N ASN A 99 -21.95 -44.06 -10.02
CA ASN A 99 -23.24 -43.37 -9.91
C ASN A 99 -23.02 -41.86 -9.95
N GLY A 100 -22.93 -41.36 -11.19
CA GLY A 100 -22.97 -39.94 -11.47
C GLY A 100 -22.12 -39.09 -10.56
N ALA A 101 -22.61 -37.88 -10.27
CA ALA A 101 -21.87 -36.94 -9.44
C ALA A 101 -21.48 -37.56 -8.10
N GLU A 102 -22.38 -38.36 -7.51
CA GLU A 102 -22.14 -38.88 -6.16
C GLU A 102 -20.80 -39.59 -6.07
N ARG A 103 -20.48 -40.43 -7.06
CA ARG A 103 -19.28 -41.24 -7.06
C ARG A 103 -18.19 -40.68 -7.96
N GLN A 104 -18.40 -39.48 -8.52
CA GLN A 104 -17.38 -38.79 -9.31
C GLN A 104 -17.17 -37.39 -8.72
N GLN A 105 -16.81 -37.33 -7.41
CA GLN A 105 -16.66 -36.04 -6.75
C GLN A 105 -15.48 -35.95 -5.77
N PRO A 106 -15.23 -36.96 -4.89
CA PRO A 106 -14.24 -36.73 -3.83
C PRO A 106 -12.99 -37.60 -3.80
N CYS A 107 -13.01 -38.75 -4.47
CA CYS A 107 -11.85 -39.68 -4.50
C CYS A 107 -11.70 -40.34 -3.12
N ILE A 108 -12.53 -41.34 -2.73
CA ILE A 108 -12.53 -42.00 -1.43
C ILE A 108 -11.43 -43.05 -1.44
N ARG A 109 -10.25 -42.70 -0.90
CA ARG A 109 -9.19 -43.65 -0.60
C ARG A 109 -8.51 -44.25 -1.82
N GLY A 110 -9.28 -44.71 -2.79
CA GLY A 110 -8.74 -45.25 -4.02
C GLY A 110 -9.81 -45.95 -4.83
N PRO A 111 -10.90 -45.26 -5.11
CA PRO A 111 -12.12 -45.92 -5.61
C PRO A 111 -12.00 -46.27 -7.08
N CYS A 112 -13.07 -46.88 -7.60
CA CYS A 112 -13.14 -47.16 -9.03
C CYS A 112 -13.25 -45.87 -9.84
N CYS A 113 -13.90 -44.83 -9.29
CA CYS A 113 -14.03 -43.54 -9.93
C CYS A 113 -13.73 -42.43 -8.93
N CYS A 114 -12.99 -41.40 -9.39
CA CYS A 114 -12.46 -40.31 -8.57
C CYS A 114 -12.48 -39.05 -9.41
N ASP A 115 -12.75 -37.92 -8.78
CA ASP A 115 -12.89 -36.66 -9.50
C ASP A 115 -11.53 -36.16 -10.03
N LEU A 116 -11.59 -35.35 -11.10
CA LEU A 116 -10.40 -34.69 -11.61
C LEU A 116 -9.85 -33.72 -10.57
N THR A 117 -8.52 -33.64 -10.49
CA THR A 117 -7.83 -32.95 -9.43
C THR A 117 -6.83 -31.95 -10.01
N TYR A 118 -6.40 -31.00 -9.18
CA TYR A 118 -5.34 -30.08 -9.55
C TYR A 118 -3.98 -30.73 -9.29
N ARG A 119 -2.97 -30.24 -10.00
CA ARG A 119 -1.59 -30.61 -9.74
C ARG A 119 -1.03 -29.72 -8.64
N THR A 120 -0.10 -30.26 -7.86
CA THR A 120 0.62 -29.40 -6.93
C THR A 120 1.39 -28.37 -7.75
N GLY A 121 1.62 -27.21 -7.14
CA GLY A 121 2.19 -26.07 -7.82
C GLY A 121 1.27 -24.86 -7.69
N LYS A 122 1.37 -23.98 -8.68
CA LYS A 122 0.52 -22.80 -8.69
C LYS A 122 -0.82 -23.17 -9.32
N ASN A 123 -1.91 -22.85 -8.64
CA ASN A 123 -3.26 -22.92 -9.18
C ASN A 123 -3.92 -21.59 -8.87
N SER A 124 -4.75 -21.11 -9.80
CA SER A 124 -5.19 -19.73 -9.74
C SER A 124 -6.70 -19.59 -9.63
N ALA A 125 -7.10 -18.57 -8.88
CA ALA A 125 -8.45 -18.04 -8.89
C ALA A 125 -8.41 -16.70 -9.61
N TYR A 126 -9.58 -16.24 -10.03
CA TYR A 126 -9.64 -15.03 -10.84
C TYR A 126 -10.81 -14.17 -10.40
N LEU A 127 -10.67 -12.88 -10.64
CA LEU A 127 -11.75 -11.91 -10.43
C LEU A 127 -11.88 -11.15 -11.73
N GLN A 128 -12.99 -11.40 -12.44
CA GLN A 128 -13.39 -10.70 -13.66
C GLN A 128 -14.33 -9.57 -13.28
N MET A 129 -14.03 -8.36 -13.75
CA MET A 129 -14.83 -7.19 -13.41
C MET A 129 -15.16 -6.43 -14.68
N ASN A 130 -16.44 -6.15 -14.91
CA ASN A 130 -16.76 -5.35 -16.09
C ASN A 130 -17.68 -4.21 -15.71
N SER A 131 -17.92 -3.34 -16.69
CA SER A 131 -18.63 -2.08 -16.44
C SER A 131 -18.02 -1.34 -15.26
N LEU A 132 -16.70 -1.22 -15.26
CA LEU A 132 -16.04 -0.53 -14.16
C LEU A 132 -16.31 0.96 -14.20
N ARG A 133 -16.43 1.55 -13.02
CA ARG A 133 -16.55 3.00 -12.88
C ARG A 133 -15.46 3.52 -11.95
N ALA A 134 -15.40 4.85 -11.83
CA ALA A 134 -14.32 5.48 -11.07
C ALA A 134 -14.25 4.98 -9.64
N GLU A 135 -15.42 4.79 -8.99
CA GLU A 135 -15.44 4.34 -7.61
C GLU A 135 -15.01 2.90 -7.43
N ASP A 136 -14.74 2.16 -8.51
CA ASP A 136 -14.10 0.86 -8.39
C ASP A 136 -12.58 0.95 -8.33
N THR A 137 -12.00 2.15 -8.47
CA THR A 137 -10.56 2.30 -8.28
C THR A 137 -10.20 1.88 -6.87
N ALA A 138 -9.24 0.95 -6.75
CA ALA A 138 -8.85 0.44 -5.45
C ALA A 138 -7.73 -0.58 -5.59
N VAL A 139 -7.14 -0.92 -4.44
CA VAL A 139 -6.24 -2.06 -4.35
C VAL A 139 -7.10 -3.30 -4.07
N TYR A 140 -6.94 -4.33 -4.90
CA TYR A 140 -7.72 -5.56 -4.81
C TYR A 140 -6.83 -6.67 -4.25
N TYR A 141 -7.27 -7.27 -3.16
CA TYR A 141 -6.56 -8.38 -2.54
C TYR A 141 -7.31 -9.69 -2.76
N CYS A 142 -6.56 -10.77 -2.89
CA CYS A 142 -7.08 -12.10 -2.61
C CYS A 142 -6.56 -12.53 -1.23
N THR A 143 -7.31 -13.45 -0.59
CA THR A 143 -6.97 -13.79 0.78
C THR A 143 -7.67 -15.09 1.12
N ARG A 144 -7.08 -15.82 2.08
CA ARG A 144 -7.72 -17.02 2.56
C ARG A 144 -7.59 -17.11 4.08
N ARG A 145 -8.57 -17.79 4.65
CA ARG A 145 -8.59 -18.05 6.08
C ARG A 145 -7.40 -18.91 6.50
N TYR A 146 -6.98 -18.74 7.76
CA TYR A 146 -5.96 -19.65 8.30
C TYR A 146 -6.47 -21.09 8.28
N TYR A 147 -7.74 -21.30 8.61
CA TYR A 147 -8.42 -22.57 8.74
C TYR A 147 -9.90 -22.26 8.78
N SER A 148 -10.72 -23.27 8.52
CA SER A 148 -12.15 -23.10 8.68
C SER A 148 -12.43 -22.43 10.01
N ALA A 149 -13.39 -21.49 10.03
CA ALA A 149 -13.78 -20.79 11.25
C ALA A 149 -12.65 -20.00 11.90
N MET A 150 -11.71 -19.49 11.10
CA MET A 150 -10.69 -18.55 11.55
C MET A 150 -10.58 -17.49 10.46
N PRO A 151 -10.04 -16.32 10.77
CA PRO A 151 -10.16 -15.21 9.83
C PRO A 151 -9.03 -15.26 8.80
N PHE A 152 -9.09 -14.27 7.91
CA PHE A 152 -8.09 -14.15 6.86
C PHE A 152 -6.70 -13.96 7.45
N ALA A 153 -5.80 -14.90 7.15
CA ALA A 153 -4.46 -14.84 7.68
C ALA A 153 -3.41 -14.78 6.60
N TYR A 154 -3.74 -15.11 5.36
CA TYR A 154 -2.82 -15.06 4.24
C TYR A 154 -3.40 -14.13 3.18
N TRP A 155 -2.58 -13.18 2.74
CA TRP A 155 -3.05 -12.16 1.80
C TRP A 155 -2.13 -12.10 0.59
N GLY A 156 -2.73 -11.99 -0.60
CA GLY A 156 -1.98 -11.53 -1.75
C GLY A 156 -1.41 -10.15 -1.52
N GLN A 157 -0.38 -9.81 -2.29
CA GLN A 157 0.28 -8.52 -2.08
C GLN A 157 -0.61 -7.34 -2.46
N GLY A 158 -1.69 -7.58 -3.19
CA GLY A 158 -2.53 -6.50 -3.66
C GLY A 158 -2.15 -6.08 -5.08
N THR A 159 -3.13 -5.79 -5.93
CA THR A 159 -2.86 -5.25 -7.28
C THR A 159 -3.75 -4.04 -7.51
N LEU A 160 -3.17 -2.96 -8.06
CA LEU A 160 -3.90 -1.70 -8.18
C LEU A 160 -4.73 -1.69 -9.45
N VAL A 161 -6.02 -1.32 -9.31
CA VAL A 161 -6.93 -1.16 -10.44
C VAL A 161 -7.36 0.30 -10.49
N THR A 162 -7.01 0.98 -11.57
CA THR A 162 -7.29 2.40 -11.74
C THR A 162 -8.29 2.56 -12.86
N VAL A 163 -9.45 3.14 -12.55
CA VAL A 163 -10.51 3.31 -13.54
C VAL A 163 -10.54 4.80 -13.87
N SER A 164 -10.01 5.17 -15.03
CA SER A 164 -9.88 6.57 -15.38
C SER A 164 -9.77 6.73 -16.88
N SER A 165 -10.16 7.89 -17.38
CA SER A 165 -9.99 8.18 -18.79
C SER A 165 -8.62 8.72 -19.13
N ALA A 166 -7.83 9.13 -18.14
CA ALA A 166 -6.51 9.69 -18.42
C ALA A 166 -5.60 8.64 -19.04
N SER A 167 -4.64 9.10 -19.84
CA SER A 167 -3.74 8.20 -20.55
C SER A 167 -2.50 7.87 -19.70
N THR A 168 -1.90 6.72 -19.97
CA THR A 168 -0.66 6.34 -19.34
C THR A 168 0.43 7.31 -19.72
N LYS A 169 1.27 7.68 -18.73
CA LYS A 169 2.42 8.53 -18.99
C LYS A 169 3.56 8.12 -18.07
N GLY A 170 4.74 7.94 -18.63
CA GLY A 170 5.90 7.62 -17.83
C GLY A 170 6.51 8.89 -17.19
N PRO A 171 7.14 8.72 -16.04
CA PRO A 171 7.73 9.88 -15.34
C PRO A 171 9.01 10.39 -15.98
N SER A 172 9.29 11.65 -15.72
CA SER A 172 10.64 12.19 -15.89
C SER A 172 11.30 12.14 -14.52
N VAL A 173 12.60 11.86 -14.48
CA VAL A 173 13.31 11.81 -13.20
C VAL A 173 14.39 12.87 -13.15
N PHE A 174 14.27 13.79 -12.18
CA PHE A 174 15.12 14.95 -12.09
C PHE A 174 15.91 14.92 -10.78
N PRO A 175 17.11 15.49 -10.78
CA PRO A 175 17.95 15.40 -9.57
C PRO A 175 17.52 16.45 -8.57
N LEU A 176 17.55 16.07 -7.29
CA LEU A 176 17.55 17.02 -6.18
C LEU A 176 18.98 17.04 -5.68
N ALA A 177 19.78 17.94 -6.23
CA ALA A 177 21.22 17.82 -6.03
C ALA A 177 21.68 18.38 -4.70
N PRO A 178 22.71 17.80 -4.10
CA PRO A 178 23.16 18.27 -2.78
C PRO A 178 23.71 19.67 -2.86
N SER A 179 23.37 20.48 -1.87
CA SER A 179 23.74 21.90 -1.87
C SER A 179 25.25 22.06 -1.75
N SER A 180 25.78 23.04 -2.48
CA SER A 180 27.19 23.39 -2.35
C SER A 180 27.52 23.97 -0.99
N LYS A 181 26.52 24.39 -0.22
CA LYS A 181 26.69 24.87 1.15
C LYS A 181 26.52 23.77 2.20
N SER A 182 26.40 22.50 1.80
CA SER A 182 26.26 21.43 2.77
C SER A 182 27.34 21.55 3.84
N THR A 183 26.95 21.33 5.10
CA THR A 183 27.85 21.58 6.22
C THR A 183 29.08 20.66 6.16
N SER A 184 30.26 21.27 6.16
CA SER A 184 31.50 20.52 6.25
C SER A 184 31.48 19.58 7.46
N GLY A 185 31.72 18.30 7.21
CA GLY A 185 31.69 17.30 8.25
C GLY A 185 30.33 16.99 8.82
N GLY A 186 29.27 17.59 8.28
CA GLY A 186 27.93 17.40 8.75
C GLY A 186 27.14 16.49 7.85
N THR A 187 25.85 16.79 7.73
CA THR A 187 24.89 15.95 7.00
C THR A 187 24.36 16.70 5.79
N ALA A 188 24.34 16.02 4.65
CA ALA A 188 23.80 16.57 3.41
C ALA A 188 22.58 15.76 2.95
N ALA A 189 21.72 16.42 2.19
CA ALA A 189 20.50 15.81 1.67
C ALA A 189 20.49 15.91 0.16
N LEU A 190 20.02 14.84 -0.49
CA LEU A 190 19.87 14.82 -1.94
C LEU A 190 18.70 13.93 -2.26
N GLY A 191 18.30 13.89 -3.52
CA GLY A 191 17.11 13.14 -3.82
C GLY A 191 16.83 13.08 -5.30
N CYS A 192 15.65 12.51 -5.59
CA CYS A 192 15.13 12.37 -6.96
C CYS A 192 13.71 12.86 -6.99
N LEU A 193 13.39 13.71 -7.98
CA LEU A 193 12.04 14.15 -8.26
C LEU A 193 11.49 13.33 -9.44
N VAL A 194 10.45 12.55 -9.15
CA VAL A 194 9.83 11.65 -10.13
C VAL A 194 8.53 12.29 -10.57
N LYS A 195 8.56 12.94 -11.72
CA LYS A 195 7.51 13.89 -12.04
C LYS A 195 6.70 13.45 -13.24
N ASP A 196 5.39 13.69 -13.13
CA ASP A 196 4.43 13.64 -14.23
C ASP A 196 4.21 12.23 -14.76
N TYR A 197 3.64 11.35 -13.94
CA TYR A 197 3.33 9.99 -14.39
C TYR A 197 1.89 9.61 -14.06
N PHE A 198 1.40 8.58 -14.75
CA PHE A 198 0.04 8.11 -14.59
C PHE A 198 -0.06 6.74 -15.24
N PRO A 199 -0.76 5.80 -14.63
CA PRO A 199 -1.34 5.84 -13.27
C PRO A 199 -0.29 5.56 -12.17
N GLU A 200 -0.70 5.49 -10.92
CA GLU A 200 0.19 4.91 -9.91
C GLU A 200 0.39 3.42 -10.25
N PRO A 201 1.40 2.75 -9.68
CA PRO A 201 2.42 3.26 -8.75
C PRO A 201 3.83 3.38 -9.35
N VAL A 202 4.69 4.11 -8.67
CA VAL A 202 6.13 4.05 -8.94
C VAL A 202 6.79 3.50 -7.69
N THR A 203 7.91 2.82 -7.88
CA THR A 203 8.76 2.42 -6.77
C THR A 203 10.10 3.11 -6.91
N VAL A 204 10.76 3.39 -5.79
CA VAL A 204 12.09 3.96 -5.81
C VAL A 204 12.97 3.19 -4.82
N SER A 205 14.16 2.82 -5.25
CA SER A 205 15.21 2.35 -4.36
C SER A 205 16.44 3.23 -4.59
N TRP A 206 17.45 3.07 -3.72
CA TRP A 206 18.72 3.75 -3.86
C TRP A 206 19.85 2.73 -3.90
N ASN A 207 20.73 2.89 -4.87
CA ASN A 207 21.90 2.02 -5.04
C ASN A 207 21.49 0.56 -5.07
N SER A 208 20.40 0.30 -5.80
CA SER A 208 19.87 -1.05 -6.02
C SER A 208 19.53 -1.72 -4.70
N GLY A 209 19.20 -0.91 -3.70
CA GLY A 209 18.78 -1.42 -2.42
C GLY A 209 19.87 -1.47 -1.37
N ALA A 210 21.10 -1.20 -1.73
CA ALA A 210 22.19 -1.16 -0.76
C ALA A 210 22.08 0.02 0.19
N LEU A 211 21.39 1.09 -0.22
CA LEU A 211 21.25 2.28 0.61
C LEU A 211 19.81 2.36 1.06
N THR A 212 19.59 2.11 2.36
CA THR A 212 18.30 2.20 2.99
C THR A 212 18.25 3.16 4.17
N SER A 213 19.34 3.33 4.91
CA SER A 213 19.31 4.24 6.05
C SER A 213 19.16 5.68 5.57
N GLY A 214 18.28 6.43 6.21
CA GLY A 214 18.13 7.85 5.91
C GLY A 214 17.26 8.11 4.72
N VAL A 215 16.72 7.08 4.11
CA VAL A 215 15.88 7.27 2.93
C VAL A 215 14.47 7.63 3.35
N HIS A 216 13.87 8.60 2.68
CA HIS A 216 12.45 8.86 2.77
C HIS A 216 11.89 8.99 1.36
N THR A 217 10.97 8.11 1.00
CA THR A 217 10.24 8.17 -0.26
C THR A 217 8.82 8.62 0.04
N PHE A 218 8.45 9.76 -0.53
CA PHE A 218 7.19 10.37 -0.12
C PHE A 218 5.99 9.82 -0.88
N PRO A 219 4.82 9.86 -0.25
CA PRO A 219 3.58 9.58 -0.99
C PRO A 219 3.48 10.46 -2.22
N ALA A 220 2.94 9.90 -3.31
CA ALA A 220 2.70 10.71 -4.48
C ALA A 220 1.61 11.74 -4.19
N VAL A 221 1.69 12.85 -4.91
CA VAL A 221 0.64 13.87 -4.93
C VAL A 221 0.09 13.90 -6.36
N LEU A 222 -1.23 14.03 -6.46
CA LEU A 222 -1.89 14.21 -7.76
C LEU A 222 -1.93 15.70 -8.07
N GLN A 223 -1.26 16.10 -9.17
CA GLN A 223 -1.15 17.48 -9.58
C GLN A 223 -2.45 17.90 -10.29
N SER A 224 -2.61 19.22 -10.47
CA SER A 224 -3.75 19.77 -11.19
C SER A 224 -3.82 19.32 -12.64
N SER A 225 -2.70 18.92 -13.22
CA SER A 225 -2.73 18.33 -14.56
C SER A 225 -3.34 16.94 -14.61
N GLY A 226 -3.65 16.31 -13.48
CA GLY A 226 -4.07 14.91 -13.51
C GLY A 226 -2.94 13.90 -13.52
N LEU A 227 -1.69 14.36 -13.37
CA LEU A 227 -0.53 13.51 -13.28
C LEU A 227 0.06 13.50 -11.87
N TYR A 228 0.65 12.38 -11.50
CA TYR A 228 1.29 12.23 -10.21
C TYR A 228 2.74 12.72 -10.22
N SER A 229 3.22 13.11 -9.05
CA SER A 229 4.62 13.45 -8.82
C SER A 229 4.97 13.00 -7.41
N LEU A 230 6.21 12.53 -7.23
CA LEU A 230 6.71 12.27 -5.90
C LEU A 230 8.20 12.47 -5.84
N SER A 231 8.71 12.57 -4.63
CA SER A 231 10.12 12.75 -4.36
C SER A 231 10.63 11.64 -3.48
N SER A 232 11.90 11.32 -3.66
CA SER A 232 12.62 10.42 -2.77
C SER A 232 13.92 11.11 -2.40
N VAL A 233 14.21 11.17 -1.11
CA VAL A 233 15.42 11.81 -0.58
C VAL A 233 16.19 10.89 0.34
N VAL A 234 17.44 11.26 0.56
CA VAL A 234 18.29 10.53 1.52
C VAL A 234 19.27 11.53 2.11
N THR A 235 19.54 11.38 3.40
CA THR A 235 20.61 12.13 4.03
C THR A 235 21.85 11.26 4.16
N VAL A 236 23.00 11.86 3.85
CA VAL A 236 24.28 11.15 3.89
C VAL A 236 25.35 12.09 4.44
N PRO A 237 26.53 11.59 4.78
CA PRO A 237 27.62 12.47 5.23
C PRO A 237 28.05 13.41 4.13
N SER A 238 28.14 14.71 4.48
CA SER A 238 28.63 15.70 3.54
C SER A 238 29.96 15.26 2.93
N SER A 239 30.80 14.60 3.74
CA SER A 239 32.12 14.25 3.27
C SER A 239 32.09 13.15 2.23
N SER A 240 31.00 12.39 2.16
CA SER A 240 30.88 11.31 1.19
C SER A 240 30.52 11.83 -0.20
N LEU A 241 30.14 13.11 -0.32
CA LEU A 241 29.56 13.61 -1.56
C LEU A 241 30.56 13.65 -2.69
N GLY A 242 31.86 13.77 -2.40
CA GLY A 242 32.83 13.79 -3.47
C GLY A 242 33.14 12.40 -3.99
N THR A 243 32.93 11.38 -3.15
CA THR A 243 33.36 10.02 -3.40
C THR A 243 32.21 9.09 -3.72
N GLN A 244 31.27 8.90 -2.80
CA GLN A 244 30.28 7.86 -2.94
C GLN A 244 29.28 8.21 -4.04
N THR A 245 28.87 7.19 -4.79
CA THR A 245 27.88 7.34 -5.84
C THR A 245 26.49 7.07 -5.30
N TYR A 246 25.52 7.93 -5.70
CA TYR A 246 24.12 7.86 -5.28
C TYR A 246 23.23 7.82 -6.52
N ILE A 247 22.52 6.70 -6.68
CA ILE A 247 21.67 6.42 -7.84
C ILE A 247 20.29 6.04 -7.30
N CYS A 248 19.26 6.78 -7.72
CA CYS A 248 17.90 6.38 -7.43
C CYS A 248 17.39 5.53 -8.60
N ASN A 249 16.82 4.39 -8.25
CA ASN A 249 16.31 3.40 -9.20
C ASN A 249 14.80 3.55 -9.20
N VAL A 250 14.28 4.10 -10.25
CA VAL A 250 12.85 4.38 -10.38
C VAL A 250 12.22 3.38 -11.33
N ASN A 251 11.05 2.85 -10.97
CA ASN A 251 10.37 1.91 -11.83
C ASN A 251 8.89 2.25 -11.88
N HIS A 252 8.43 2.61 -13.08
CA HIS A 252 7.01 2.85 -13.31
C HIS A 252 6.50 1.74 -14.23
N LYS A 253 6.13 0.61 -13.65
CA LYS A 253 5.80 -0.53 -14.48
C LYS A 253 4.60 -0.28 -15.39
N PRO A 254 3.64 0.58 -15.02
CA PRO A 254 2.47 0.79 -15.88
C PRO A 254 2.81 1.34 -17.25
N SER A 255 3.95 2.03 -17.43
CA SER A 255 4.39 2.55 -18.71
C SER A 255 5.65 1.83 -19.22
N ASN A 256 6.07 0.79 -18.54
CA ASN A 256 7.33 0.09 -18.86
C ASN A 256 8.53 1.03 -18.80
N THR A 257 8.57 1.92 -17.80
CA THR A 257 9.61 2.93 -17.69
C THR A 257 10.46 2.62 -16.44
N LYS A 258 11.70 2.18 -16.66
CA LYS A 258 12.69 2.03 -15.61
C LYS A 258 13.79 3.04 -15.86
N VAL A 259 14.18 3.79 -14.80
CA VAL A 259 15.20 4.82 -14.90
C VAL A 259 16.12 4.70 -13.70
N ASP A 260 17.43 4.66 -13.96
CA ASP A 260 18.45 4.87 -12.94
C ASP A 260 19.01 6.29 -13.07
N LYS A 261 18.88 7.10 -12.02
CA LYS A 261 19.30 8.50 -12.04
C LYS A 261 20.43 8.73 -11.05
N LYS A 262 21.62 9.05 -11.55
CA LYS A 262 22.72 9.44 -10.69
C LYS A 262 22.51 10.88 -10.22
N VAL A 263 22.69 11.09 -8.93
CA VAL A 263 22.49 12.40 -8.31
C VAL A 263 23.80 12.84 -7.67
N GLU A 264 24.28 13.99 -8.08
CA GLU A 264 25.61 14.48 -7.72
C GLU A 264 25.59 15.98 -7.58
N PRO A 265 26.55 16.56 -6.86
CA PRO A 265 26.67 18.02 -6.77
C PRO A 265 26.79 18.64 -8.14
N LYS A 266 26.07 19.74 -8.34
CA LYS A 266 26.09 20.43 -9.63
C LYS A 266 27.40 21.17 -9.83
N SER A 267 27.97 21.03 -11.02
CA SER A 267 29.13 21.80 -11.42
C SER A 267 28.73 23.22 -11.80
N CYS A 268 29.70 24.13 -11.76
CA CYS A 268 29.43 25.54 -12.01
C CYS A 268 29.62 25.91 -13.47
N ASP B 1 -27.08 -5.92 6.04
CA ASP B 1 -25.66 -6.20 6.35
C ASP B 1 -25.35 -5.71 7.76
N ILE B 2 -24.28 -6.23 8.35
CA ILE B 2 -23.86 -5.78 9.67
C ILE B 2 -22.84 -4.67 9.49
N GLN B 3 -23.18 -3.47 9.94
CA GLN B 3 -22.28 -2.34 9.86
C GLN B 3 -21.40 -2.26 11.10
N MET B 4 -20.09 -2.15 10.87
CA MET B 4 -19.09 -2.05 11.92
C MET B 4 -18.62 -0.60 12.03
N THR B 5 -18.76 -0.02 13.21
CA THR B 5 -18.37 1.36 13.47
C THR B 5 -17.22 1.37 14.47
N GLN B 6 -16.08 1.86 14.02
CA GLN B 6 -14.85 1.87 14.79
C GLN B 6 -14.60 3.28 15.29
N SER B 7 -14.10 3.37 16.53
CA SER B 7 -13.80 4.63 17.23
C SER B 7 -12.55 4.45 18.06
N PRO B 8 -11.66 5.44 18.11
CA PRO B 8 -11.69 6.73 17.38
C PRO B 8 -11.16 6.57 15.97
N SER B 9 -11.23 7.62 15.16
CA SER B 9 -10.63 7.51 13.82
C SER B 9 -9.11 7.55 13.90
N SER B 10 -8.56 8.16 14.95
CA SER B 10 -7.12 8.23 15.15
C SER B 10 -6.85 8.37 16.63
N LEU B 11 -5.64 8.03 17.05
CA LEU B 11 -5.26 8.34 18.41
C LEU B 11 -3.75 8.45 18.46
N SER B 12 -3.27 9.07 19.53
CA SER B 12 -1.87 9.42 19.70
C SER B 12 -1.52 9.18 21.15
N ALA B 13 -0.42 8.49 21.40
CA ALA B 13 -0.08 8.10 22.75
C ALA B 13 1.42 7.83 22.82
N SER B 14 1.96 7.90 24.03
CA SER B 14 3.38 7.72 24.23
C SER B 14 3.75 6.24 24.34
N VAL B 15 5.01 5.94 24.02
CA VAL B 15 5.57 4.63 24.26
C VAL B 15 5.33 4.26 25.72
N GLY B 16 4.96 3.00 25.93
CA GLY B 16 4.62 2.50 27.26
C GLY B 16 3.20 2.77 27.69
N ASP B 17 2.46 3.58 26.95
CA ASP B 17 1.08 3.84 27.33
C ASP B 17 0.14 2.71 26.92
N ARG B 18 -1.09 2.81 27.39
CA ARG B 18 -2.15 1.88 27.05
C ARG B 18 -3.24 2.63 26.31
N VAL B 19 -3.68 2.09 25.18
CA VAL B 19 -4.74 2.69 24.39
C VAL B 19 -5.78 1.62 24.07
N THR B 20 -6.99 2.09 23.79
CA THR B 20 -8.11 1.24 23.43
C THR B 20 -8.80 1.77 22.18
N ILE B 21 -9.16 0.85 21.28
CA ILE B 21 -9.94 1.10 20.09
C ILE B 21 -11.24 0.33 20.25
N THR B 22 -12.34 0.94 19.87
CA THR B 22 -13.61 0.26 19.98
C THR B 22 -14.22 0.02 18.61
N CYS B 23 -14.92 -1.11 18.51
CA CYS B 23 -15.68 -1.51 17.34
C CYS B 23 -17.08 -1.87 17.82
N ARG B 24 -18.09 -1.26 17.20
CA ARG B 24 -19.49 -1.56 17.51
C ARG B 24 -20.22 -2.06 16.27
N ALA B 25 -20.88 -3.20 16.41
CA ALA B 25 -21.65 -3.78 15.33
C ALA B 25 -23.10 -3.30 15.39
N SER B 26 -23.73 -3.23 14.23
CA SER B 26 -25.13 -2.83 14.18
C SER B 26 -26.08 -3.89 14.71
N GLU B 27 -25.61 -5.13 14.90
CA GLU B 27 -26.38 -6.16 15.59
C GLU B 27 -25.41 -7.10 16.31
N ASP B 28 -25.97 -7.93 17.20
CA ASP B 28 -25.17 -8.85 18.00
C ASP B 28 -24.42 -9.78 17.06
N ILE B 29 -23.09 -9.82 17.19
CA ILE B 29 -22.26 -10.72 16.40
C ILE B 29 -21.66 -11.83 17.27
N TYR B 30 -22.03 -11.91 18.54
CA TYR B 30 -21.74 -13.08 19.36
C TYR B 30 -20.25 -13.41 19.34
N SER B 31 -19.44 -12.38 19.52
CA SER B 31 -17.97 -12.48 19.64
C SER B 31 -17.29 -13.04 18.37
N GLY B 32 -17.98 -13.01 17.23
CA GLY B 32 -17.35 -13.34 15.96
C GLY B 32 -16.61 -12.16 15.38
N LEU B 33 -15.58 -11.70 16.07
CA LEU B 33 -14.90 -10.47 15.69
C LEU B 33 -13.39 -10.68 15.63
N ALA B 34 -12.78 -10.19 14.55
CA ALA B 34 -11.36 -10.25 14.33
C ALA B 34 -10.79 -8.84 14.31
N TRP B 35 -9.54 -8.72 14.75
CA TRP B 35 -8.78 -7.46 14.70
C TRP B 35 -7.54 -7.66 13.84
N TYR B 36 -7.26 -6.67 12.97
CA TYR B 36 -6.09 -6.67 12.11
C TYR B 36 -5.25 -5.41 12.32
N GLN B 37 -3.95 -5.52 11.98
CA GLN B 37 -3.01 -4.42 11.90
C GLN B 37 -2.53 -4.31 10.46
N GLN B 38 -2.47 -3.08 9.94
CA GLN B 38 -2.04 -2.85 8.57
C GLN B 38 -1.15 -1.60 8.49
N LYS B 39 -0.01 -1.74 7.88
CA LYS B 39 0.80 -0.56 7.60
C LYS B 39 0.71 -0.17 6.13
N PRO B 40 1.04 1.07 5.80
CA PRO B 40 0.87 1.54 4.42
C PRO B 40 1.67 0.69 3.46
N GLY B 41 1.03 0.33 2.34
CA GLY B 41 1.62 -0.52 1.34
C GLY B 41 1.73 -1.99 1.70
N LYS B 42 1.53 -2.33 2.99
CA LYS B 42 1.70 -3.72 3.48
C LYS B 42 0.33 -4.39 3.65
N VAL B 43 0.30 -5.72 3.68
CA VAL B 43 -0.93 -6.50 3.80
C VAL B 43 -1.41 -6.50 5.25
N PRO B 44 -2.71 -6.67 5.49
CA PRO B 44 -3.21 -6.88 6.87
C PRO B 44 -2.54 -8.04 7.59
N LYS B 45 -2.29 -7.87 8.87
CA LYS B 45 -1.80 -8.91 9.76
C LYS B 45 -2.89 -9.22 10.79
N LEU B 46 -3.22 -10.49 10.91
CA LEU B 46 -4.27 -10.93 11.84
C LEU B 46 -3.76 -10.90 13.27
N LEU B 47 -4.43 -10.14 14.14
CA LEU B 47 -4.00 -10.05 15.53
C LEU B 47 -4.83 -10.93 16.45
N ILE B 48 -6.14 -10.80 16.37
CA ILE B 48 -7.07 -11.42 17.32
C ILE B 48 -8.25 -11.96 16.53
N TYR B 49 -8.79 -13.10 16.98
CA TYR B 49 -10.03 -13.64 16.46
C TYR B 49 -10.90 -14.15 17.59
N ASP B 50 -12.18 -14.43 17.25
CA ASP B 50 -13.20 -14.79 18.24
C ASP B 50 -13.20 -13.79 19.40
N SER B 51 -12.92 -12.51 19.04
CA SER B 51 -12.94 -11.31 19.88
C SER B 51 -11.80 -11.22 20.89
N SER B 52 -11.24 -12.38 21.32
CA SER B 52 -10.25 -12.38 22.38
C SER B 52 -9.08 -13.34 22.17
N THR B 53 -9.06 -14.12 21.11
CA THR B 53 -8.00 -15.13 20.94
C THR B 53 -6.84 -14.53 20.15
N LEU B 54 -5.65 -14.51 20.74
CA LEU B 54 -4.46 -14.04 20.04
C LEU B 54 -3.97 -15.06 19.01
N HIS B 55 -3.64 -14.56 17.82
CA HIS B 55 -3.07 -15.39 16.77
C HIS B 55 -1.56 -15.57 17.01
N THR B 56 -1.00 -16.54 16.29
CA THR B 56 0.42 -16.85 16.40
C THR B 56 1.27 -15.63 16.14
N GLY B 57 2.35 -15.51 16.93
CA GLY B 57 3.31 -14.46 16.73
C GLY B 57 2.90 -13.09 17.25
N VAL B 58 1.71 -12.93 17.82
CA VAL B 58 1.22 -11.64 18.27
C VAL B 58 1.60 -11.46 19.74
N PRO B 59 2.30 -10.39 20.12
CA PRO B 59 2.65 -10.22 21.53
C PRO B 59 1.43 -10.07 22.42
N SER B 60 1.57 -10.46 23.67
CA SER B 60 0.40 -10.47 24.56
C SER B 60 0.03 -9.06 25.05
N ARG B 61 0.79 -8.02 24.68
CA ARG B 61 0.28 -6.69 25.03
C ARG B 61 -0.91 -6.29 24.17
N PHE B 62 -1.26 -7.06 23.13
CA PHE B 62 -2.52 -6.92 22.42
C PHE B 62 -3.59 -7.78 23.08
N SER B 63 -4.75 -7.20 23.37
CA SER B 63 -5.80 -7.97 24.02
C SER B 63 -7.17 -7.50 23.53
N GLY B 64 -8.07 -8.46 23.33
CA GLY B 64 -9.42 -8.17 22.85
C GLY B 64 -10.44 -8.61 23.89
N THR B 65 -11.46 -7.77 24.08
CA THR B 65 -12.55 -8.03 25.00
C THR B 65 -13.84 -7.60 24.30
N GLY B 66 -14.97 -7.85 24.95
CA GLY B 66 -16.26 -7.42 24.45
C GLY B 66 -17.26 -8.56 24.30
N SER B 67 -18.48 -8.16 23.97
CA SER B 67 -19.59 -9.09 23.82
C SER B 67 -20.75 -8.30 23.23
N GLY B 68 -21.74 -9.03 22.77
CA GLY B 68 -22.89 -8.39 22.18
C GLY B 68 -22.49 -7.63 20.94
N THR B 69 -22.72 -6.33 20.98
CA THR B 69 -22.39 -5.46 19.85
C THR B 69 -21.06 -4.71 20.02
N ASP B 70 -20.45 -4.73 21.19
CA ASP B 70 -19.39 -3.77 21.55
C ASP B 70 -18.10 -4.50 21.90
N TYR B 71 -17.06 -4.22 21.13
CA TYR B 71 -15.76 -4.86 21.30
C TYR B 71 -14.66 -3.81 21.40
N THR B 72 -13.56 -4.22 22.04
CA THR B 72 -12.44 -3.35 22.30
C THR B 72 -11.14 -4.09 21.99
N LEU B 73 -10.24 -3.41 21.26
CA LEU B 73 -8.84 -3.81 21.18
C LEU B 73 -8.04 -2.90 22.10
N THR B 74 -7.23 -3.49 22.98
CA THR B 74 -6.36 -2.76 23.90
C THR B 74 -4.91 -3.11 23.58
N ILE B 75 -4.08 -2.09 23.43
CA ILE B 75 -2.64 -2.24 23.22
C ILE B 75 -1.95 -1.64 24.44
N SER B 76 -1.23 -2.48 25.17
CA SER B 76 -0.46 -2.01 26.31
C SER B 76 0.99 -1.90 25.92
N SER B 77 1.76 -1.24 26.78
CA SER B 77 3.18 -0.97 26.55
C SER B 77 3.40 -0.61 25.07
N LEU B 78 2.65 0.40 24.63
CA LEU B 78 2.74 0.83 23.24
C LEU B 78 4.19 0.99 22.81
N GLN B 79 4.49 0.48 21.62
CA GLN B 79 5.83 0.43 21.09
C GLN B 79 5.91 1.28 19.82
N PRO B 80 7.08 1.77 19.45
CA PRO B 80 7.16 2.62 18.25
C PRO B 80 6.74 1.88 16.98
N GLU B 81 6.99 0.56 16.91
CA GLU B 81 6.57 -0.19 15.73
C GLU B 81 5.08 -0.45 15.68
N ASP B 82 4.28 0.06 16.63
CA ASP B 82 2.84 -0.14 16.60
C ASP B 82 2.14 0.90 15.75
N VAL B 83 2.86 1.88 15.21
CA VAL B 83 2.27 2.85 14.29
C VAL B 83 1.69 2.04 13.14
N ALA B 84 0.39 2.21 12.88
CA ALA B 84 -0.34 1.40 11.92
C ALA B 84 -1.81 1.82 11.97
N THR B 85 -2.55 1.31 10.99
CA THR B 85 -4.01 1.33 11.04
C THR B 85 -4.48 -0.02 11.58
N TYR B 86 -5.46 0.03 12.45
CA TYR B 86 -6.07 -1.15 13.06
C TYR B 86 -7.53 -1.18 12.64
N PHE B 87 -8.00 -2.35 12.24
CA PHE B 87 -9.43 -2.44 11.91
C PHE B 87 -10.02 -3.75 12.40
N CYS B 88 -11.32 -3.72 12.61
CA CYS B 88 -12.06 -4.89 13.01
C CYS B 88 -12.81 -5.47 11.81
N GLN B 89 -13.21 -6.72 11.95
CA GLN B 89 -13.97 -7.41 10.93
C GLN B 89 -14.90 -8.40 11.63
N GLN B 90 -16.19 -8.39 11.28
CA GLN B 90 -17.09 -9.39 11.84
C GLN B 90 -17.12 -10.60 10.93
N ASN B 91 -17.13 -11.78 11.54
CA ASN B 91 -17.19 -13.08 10.84
C ASN B 91 -18.47 -13.83 11.16
N TYR B 92 -19.48 -13.14 11.68
CA TYR B 92 -20.70 -13.82 12.11
C TYR B 92 -21.57 -14.18 10.91
N ASP B 93 -21.51 -13.39 9.85
CA ASP B 93 -22.62 -13.23 8.92
C ASP B 93 -22.06 -12.71 7.62
N PHE B 94 -22.58 -13.18 6.51
CA PHE B 94 -22.22 -12.56 5.23
C PHE B 94 -23.24 -11.49 4.85
N PRO B 95 -22.81 -10.42 4.17
CA PRO B 95 -21.43 -10.22 3.71
C PRO B 95 -20.49 -9.88 4.85
N LEU B 96 -19.28 -10.43 4.82
CA LEU B 96 -18.27 -10.02 5.78
C LEU B 96 -18.04 -8.53 5.63
N THR B 97 -17.96 -7.83 6.77
CA THR B 97 -17.84 -6.38 6.80
C THR B 97 -16.78 -5.95 7.79
N PHE B 98 -16.14 -4.82 7.47
CA PHE B 98 -15.00 -4.32 8.21
C PHE B 98 -15.33 -2.97 8.80
N GLY B 99 -14.71 -2.66 9.93
CA GLY B 99 -14.67 -1.28 10.39
C GLY B 99 -13.80 -0.41 9.50
N GLN B 100 -13.95 0.90 9.68
CA GLN B 100 -13.28 1.86 8.80
C GLN B 100 -11.83 2.11 9.18
N GLY B 101 -11.37 1.59 10.30
CA GLY B 101 -9.96 1.72 10.65
C GLY B 101 -9.71 2.79 11.69
N THR B 102 -8.66 2.57 12.49
CA THR B 102 -8.16 3.52 13.45
C THR B 102 -6.67 3.68 13.21
N LYS B 103 -6.23 4.89 12.94
CA LYS B 103 -4.81 5.18 12.74
C LYS B 103 -4.16 5.53 14.08
N LEU B 104 -3.01 4.93 14.35
CA LEU B 104 -2.31 5.10 15.62
C LEU B 104 -0.98 5.81 15.41
N GLU B 105 -0.78 6.92 16.13
CA GLU B 105 0.43 7.69 16.14
C GLU B 105 1.14 7.51 17.48
N ILE B 106 2.46 7.54 17.47
CA ILE B 106 3.27 7.53 18.68
C ILE B 106 3.65 8.97 19.02
N LYS B 107 3.36 9.39 20.24
CA LYS B 107 3.75 10.71 20.71
C LYS B 107 5.15 10.62 21.28
N ARG B 108 6.06 11.41 20.74
CA ARG B 108 7.43 11.46 21.25
C ARG B 108 7.73 12.90 21.60
N THR B 109 8.98 13.16 21.95
CA THR B 109 9.39 14.51 22.31
C THR B 109 9.54 15.35 21.05
N VAL B 110 9.37 16.66 21.21
CA VAL B 110 9.46 17.56 20.08
C VAL B 110 10.82 17.44 19.42
N ALA B 111 10.81 17.44 18.09
CA ALA B 111 12.06 17.41 17.32
C ALA B 111 11.90 18.37 16.15
N ALA B 112 12.84 19.31 16.02
CA ALA B 112 12.79 20.30 14.97
C ALA B 112 13.21 19.66 13.65
N PRO B 113 12.61 20.09 12.55
CA PRO B 113 13.08 19.63 11.24
C PRO B 113 14.44 20.20 10.88
N SER B 114 15.23 19.42 10.16
CA SER B 114 16.31 19.95 9.35
C SER B 114 15.71 20.30 8.01
N VAL B 115 16.07 21.48 7.46
CA VAL B 115 15.40 22.01 6.27
C VAL B 115 16.41 22.16 5.16
N PHE B 116 16.00 21.80 3.95
CA PHE B 116 16.85 21.82 2.76
C PHE B 116 16.02 22.32 1.60
N ILE B 117 16.57 23.21 0.78
CA ILE B 117 15.88 23.68 -0.42
C ILE B 117 16.66 23.22 -1.66
N PHE B 118 15.94 22.80 -2.70
CA PHE B 118 16.53 22.36 -3.95
C PHE B 118 16.04 23.18 -5.15
N PRO B 119 16.96 23.72 -5.94
CA PRO B 119 16.54 24.44 -7.16
C PRO B 119 16.11 23.46 -8.24
N PRO B 120 15.46 23.95 -9.29
CA PRO B 120 15.14 23.06 -10.43
C PRO B 120 16.40 22.69 -11.19
N SER B 121 16.39 21.47 -11.76
CA SER B 121 17.51 21.04 -12.58
C SER B 121 17.46 21.70 -13.96
N ASP B 122 18.63 21.76 -14.60
CA ASP B 122 18.68 22.27 -15.97
C ASP B 122 17.88 21.39 -16.93
N GLU B 123 17.92 20.06 -16.75
CA GLU B 123 17.15 19.17 -17.62
C GLU B 123 15.66 19.49 -17.54
N GLN B 124 15.15 19.69 -16.33
CA GLN B 124 13.73 20.02 -16.26
C GLN B 124 13.44 21.36 -16.97
N LEU B 125 14.32 22.34 -16.85
CA LEU B 125 14.01 23.65 -17.42
C LEU B 125 13.83 23.56 -18.94
N LYS B 126 14.49 22.62 -19.60
CA LYS B 126 14.22 22.37 -21.02
C LYS B 126 12.75 22.08 -21.28
N SER B 127 12.06 21.48 -20.32
CA SER B 127 10.66 21.14 -20.47
C SER B 127 9.74 22.36 -20.42
N GLY B 128 10.24 23.53 -20.05
CA GLY B 128 9.39 24.69 -19.86
C GLY B 128 8.80 24.86 -18.48
N THR B 129 9.16 23.99 -17.53
CA THR B 129 8.62 24.02 -16.17
C THR B 129 9.77 23.97 -15.17
N ALA B 130 9.53 24.53 -13.97
CA ALA B 130 10.53 24.59 -12.91
C ALA B 130 9.89 24.11 -11.61
N SER B 131 10.45 23.07 -11.00
CA SER B 131 10.01 22.58 -9.70
C SER B 131 11.08 22.91 -8.68
N VAL B 132 10.66 23.57 -7.59
CA VAL B 132 11.50 23.90 -6.44
C VAL B 132 11.02 23.07 -5.27
N VAL B 133 11.94 22.44 -4.56
CA VAL B 133 11.55 21.48 -3.53
C VAL B 133 12.14 21.90 -2.18
N CYS B 134 11.31 21.82 -1.15
CA CYS B 134 11.73 22.05 0.21
C CYS B 134 11.48 20.80 1.04
N LEU B 135 12.54 20.31 1.68
CA LEU B 135 12.47 19.11 2.50
C LEU B 135 12.55 19.49 3.97
N LEU B 136 11.59 19.01 4.76
CA LEU B 136 11.63 19.06 6.21
C LEU B 136 11.89 17.65 6.73
N ASN B 137 13.04 17.44 7.36
CA ASN B 137 13.45 16.08 7.69
C ASN B 137 13.39 15.80 9.18
N ASN B 138 12.70 14.72 9.52
CA ASN B 138 12.75 14.01 10.81
C ASN B 138 12.31 14.90 11.97
N PHE B 139 11.02 15.26 11.95
CA PHE B 139 10.50 16.18 12.93
C PHE B 139 9.26 15.61 13.61
N TYR B 140 8.93 16.24 14.74
CA TYR B 140 7.74 15.88 15.51
C TYR B 140 7.37 17.08 16.37
N PRO B 141 6.08 17.45 16.45
CA PRO B 141 4.91 16.81 15.88
C PRO B 141 4.71 17.07 14.40
N ARG B 142 3.63 16.51 13.85
CA ARG B 142 3.42 16.51 12.40
C ARG B 142 3.08 17.90 11.88
N GLU B 143 2.45 18.73 12.70
N GLU B 143 2.37 18.78 12.73
CA GLU B 143 2.04 20.06 12.24
CA GLU B 143 1.96 20.11 12.27
C GLU B 143 3.26 20.92 11.88
C GLU B 143 3.18 20.97 11.91
N ALA B 144 3.21 21.55 10.72
CA ALA B 144 4.34 22.33 10.22
C ALA B 144 3.82 23.24 9.12
N LYS B 145 4.36 24.45 9.05
CA LYS B 145 3.95 25.41 8.03
C LYS B 145 5.12 25.69 7.11
N VAL B 146 4.91 25.48 5.81
CA VAL B 146 5.88 25.84 4.78
C VAL B 146 5.35 27.02 3.98
N GLN B 147 6.14 28.10 3.88
CA GLN B 147 5.79 29.23 3.03
C GLN B 147 6.85 29.44 1.96
N TRP B 148 6.42 29.49 0.71
CA TRP B 148 7.31 29.75 -0.42
C TRP B 148 7.30 31.24 -0.71
N LYS B 149 8.47 31.79 -0.98
CA LYS B 149 8.59 33.20 -1.38
C LYS B 149 9.52 33.31 -2.57
N VAL B 150 9.10 34.09 -3.56
CA VAL B 150 9.85 34.32 -4.79
C VAL B 150 10.01 35.83 -4.92
N ASP B 151 11.26 36.28 -4.83
CA ASP B 151 11.59 37.72 -4.71
C ASP B 151 10.66 38.43 -3.72
N ASN B 152 10.47 37.78 -2.58
CA ASN B 152 9.66 38.25 -1.44
C ASN B 152 8.16 38.33 -1.72
N ALA B 153 7.68 37.71 -2.80
CA ALA B 153 6.25 37.51 -3.01
C ALA B 153 5.88 36.13 -2.49
N LEU B 154 4.95 36.09 -1.54
CA LEU B 154 4.40 34.82 -1.06
C LEU B 154 3.66 34.07 -2.17
N GLN B 155 3.98 32.80 -2.33
CA GLN B 155 3.31 31.93 -3.31
C GLN B 155 2.18 31.14 -2.68
N SER B 156 1.02 31.12 -3.33
CA SER B 156 -0.14 30.41 -2.83
C SER B 156 -0.86 29.74 -3.99
N GLY B 157 -1.27 28.50 -3.77
CA GLY B 157 -2.00 27.72 -4.75
C GLY B 157 -1.15 26.98 -5.76
N ASN B 158 0.18 27.18 -5.76
CA ASN B 158 1.06 26.58 -6.75
C ASN B 158 2.11 25.68 -6.11
N SER B 159 1.81 25.17 -4.93
CA SER B 159 2.65 24.16 -4.29
C SER B 159 1.78 23.03 -3.79
N GLN B 160 2.40 21.86 -3.66
CA GLN B 160 1.81 20.73 -2.98
C GLN B 160 2.79 20.08 -2.03
N GLU B 161 2.23 19.49 -0.96
CA GLU B 161 2.99 18.88 0.11
C GLU B 161 2.67 17.38 0.23
N SER B 162 3.65 16.61 0.71
CA SER B 162 3.45 15.21 1.08
C SER B 162 4.23 14.91 2.35
N VAL B 163 3.66 14.02 3.18
CA VAL B 163 4.29 13.63 4.45
C VAL B 163 4.47 12.12 4.49
N THR B 164 5.65 11.70 5.01
CA THR B 164 5.92 10.28 5.17
C THR B 164 5.12 9.68 6.34
N GLU B 165 4.98 8.37 6.27
CA GLU B 165 4.50 7.57 7.39
C GLU B 165 5.42 7.82 8.58
N GLN B 166 4.82 7.97 9.76
CA GLN B 166 5.63 8.12 10.95
C GLN B 166 6.63 6.99 11.04
N ASP B 167 7.89 7.34 11.28
CA ASP B 167 8.96 6.37 11.28
C ASP B 167 8.75 5.34 12.40
N SER B 168 8.93 4.06 12.07
CA SER B 168 8.60 2.98 12.99
C SER B 168 9.62 2.80 14.11
N LYS B 169 10.77 3.44 14.03
CA LYS B 169 11.78 3.42 15.08
C LYS B 169 11.91 4.74 15.83
N ASP B 170 12.10 5.88 15.14
CA ASP B 170 12.33 7.14 15.82
C ASP B 170 11.06 7.99 15.92
N SER B 171 9.97 7.56 15.32
CA SER B 171 8.67 8.19 15.50
C SER B 171 8.63 9.61 14.95
N THR B 172 9.50 9.95 14.01
CA THR B 172 9.44 11.25 13.36
C THR B 172 8.67 11.17 12.04
N TYR B 173 8.35 12.36 11.52
CA TYR B 173 7.81 12.56 10.20
C TYR B 173 8.85 13.30 9.34
N SER B 174 8.67 13.21 8.03
CA SER B 174 9.36 14.08 7.10
C SER B 174 8.35 14.57 6.07
N LEU B 175 8.67 15.70 5.46
CA LEU B 175 7.72 16.39 4.60
C LEU B 175 8.45 16.98 3.40
N SER B 176 7.83 16.84 2.23
CA SER B 176 8.31 17.47 1.01
C SER B 176 7.26 18.47 0.52
N SER B 177 7.70 19.67 0.16
CA SER B 177 6.85 20.62 -0.55
C SER B 177 7.47 21.00 -1.89
N THR B 178 6.66 20.94 -2.96
CA THR B 178 7.12 21.25 -4.30
C THR B 178 6.37 22.46 -4.79
N LEU B 179 7.12 23.51 -5.14
CA LEU B 179 6.60 24.72 -5.79
C LEU B 179 6.82 24.54 -7.29
N THR B 180 5.77 24.74 -8.08
CA THR B 180 5.87 24.61 -9.53
C THR B 180 5.64 25.96 -10.20
N LEU B 181 6.56 26.34 -11.08
CA LEU B 181 6.47 27.58 -11.83
C LEU B 181 6.80 27.28 -13.29
N SER B 182 6.36 28.16 -14.19
CA SER B 182 6.86 28.10 -15.54
C SER B 182 8.34 28.42 -15.54
N LYS B 183 9.05 27.88 -16.53
CA LYS B 183 10.43 28.29 -16.72
C LYS B 183 10.54 29.81 -16.91
N ALA B 184 9.59 30.38 -17.66
CA ALA B 184 9.63 31.82 -17.92
C ALA B 184 9.58 32.61 -16.62
N ASP B 185 8.67 32.24 -15.70
CA ASP B 185 8.60 32.92 -14.42
C ASP B 185 9.85 32.66 -13.60
N TYR B 186 10.34 31.42 -13.60
CA TYR B 186 11.54 31.09 -12.82
C TYR B 186 12.69 32.00 -13.24
N GLU B 187 12.85 32.21 -14.55
CA GLU B 187 13.97 32.97 -15.06
C GLU B 187 13.82 34.46 -14.83
N LYS B 188 12.63 34.95 -14.48
CA LYS B 188 12.43 36.38 -14.24
C LYS B 188 12.68 36.77 -12.80
N HIS B 189 12.97 35.81 -11.92
CA HIS B 189 13.14 36.12 -10.51
C HIS B 189 14.45 35.54 -10.03
N LYS B 190 14.94 36.08 -8.92
CA LYS B 190 16.25 35.77 -8.40
C LYS B 190 16.26 34.96 -7.11
N VAL B 191 15.49 35.36 -6.09
CA VAL B 191 15.59 34.77 -4.76
C VAL B 191 14.41 33.81 -4.53
N TYR B 192 14.73 32.56 -4.21
CA TYR B 192 13.75 31.50 -3.95
C TYR B 192 13.93 31.02 -2.52
N ALA B 193 12.86 31.08 -1.72
CA ALA B 193 13.00 30.78 -0.30
C ALA B 193 11.86 29.91 0.20
N CYS B 194 12.20 28.96 1.07
CA CYS B 194 11.26 28.13 1.79
C CYS B 194 11.37 28.54 3.25
N GLU B 195 10.26 29.00 3.84
CA GLU B 195 10.25 29.38 5.25
C GLU B 195 9.41 28.42 6.08
N VAL B 196 10.01 27.89 7.15
CA VAL B 196 9.43 26.78 7.91
C VAL B 196 9.15 27.23 9.35
N THR B 197 7.90 27.04 9.76
CA THR B 197 7.46 27.25 11.14
C THR B 197 7.15 25.88 11.75
N HIS B 198 7.66 25.64 12.94
CA HIS B 198 7.43 24.36 13.60
C HIS B 198 7.73 24.53 15.08
N GLN B 199 7.00 23.78 15.89
CA GLN B 199 7.08 23.92 17.35
C GLN B 199 8.50 23.76 17.87
N GLY B 200 9.30 22.89 17.24
CA GLY B 200 10.68 22.70 17.68
C GLY B 200 11.64 23.82 17.28
N LEU B 201 11.19 24.80 16.50
CA LEU B 201 12.03 25.93 16.10
C LEU B 201 11.64 27.14 16.92
N SER B 202 12.64 27.83 17.49
CA SER B 202 12.34 28.99 18.32
C SER B 202 11.69 30.09 17.50
N SER B 203 12.16 30.28 16.26
CA SER B 203 11.60 31.21 15.31
C SER B 203 11.61 30.53 13.95
N PRO B 204 10.83 31.02 13.00
CA PRO B 204 10.78 30.39 11.68
C PRO B 204 12.17 30.35 11.05
N VAL B 205 12.41 29.32 10.25
CA VAL B 205 13.71 29.14 9.61
C VAL B 205 13.53 29.19 8.11
N THR B 206 14.42 29.90 7.44
CA THR B 206 14.35 30.13 6.00
C THR B 206 15.60 29.55 5.35
N LYS B 207 15.40 28.77 4.29
CA LYS B 207 16.46 28.31 3.41
C LYS B 207 16.19 28.90 2.04
N SER B 208 17.22 29.52 1.46
CA SER B 208 17.07 30.28 0.23
C SER B 208 18.19 29.96 -0.73
N PHE B 209 17.96 30.29 -2.00
CA PHE B 209 19.04 30.26 -2.98
C PHE B 209 18.76 31.33 -4.02
N ASN B 210 19.81 31.73 -4.69
CA ASN B 210 19.75 32.70 -5.78
C ASN B 210 19.81 31.92 -7.08
N ARG B 211 18.86 32.17 -7.97
CA ARG B 211 18.87 31.47 -9.25
C ARG B 211 20.23 31.67 -9.89
N GLY B 212 20.83 30.56 -10.37
CA GLY B 212 22.06 30.63 -11.14
C GLY B 212 23.33 30.59 -10.33
N GLU B 213 23.24 30.48 -9.01
CA GLU B 213 24.39 30.50 -8.13
C GLU B 213 24.85 29.07 -7.85
N CYS B 214 26.15 28.85 -7.99
CA CYS B 214 26.70 27.51 -7.79
C CYS B 214 26.95 27.22 -6.30
CL CL C . -11.28 -21.86 4.12
CL CL D . -16.60 6.59 -14.22
CL CL E . -13.08 7.30 -20.83
CL CL F . 2.87 6.13 -6.87
CL CL G . -13.62 -14.13 14.35
#